data_8JPW
#
_entry.id   8JPW
#
_cell.length_a   158.400
_cell.length_b   158.400
_cell.length_c   138.235
_cell.angle_alpha   90.00
_cell.angle_beta   90.00
_cell.angle_gamma   90.00
#
_symmetry.space_group_name_H-M   'I 4 2 2'
#
loop_
_entity.id
_entity.type
_entity.pdbx_description
1 polymer 'L-glutamate oxidase'
2 non-polymer 'FLAVIN-ADENINE DINUCLEOTIDE'
3 non-polymer '2-OXOGLUTARIC ACID'
4 non-polymer 'ZINC ION'
5 water water
#
_entity_poly.entity_id   1
_entity_poly.type   'polypeptide(L)'
_entity_poly.pdbx_seq_one_letter_code
;MGHHHHHHHHHHSSGHIEGRHMANEMTYEQLARELLLVGPAPTNEDLKLRYLDVLIDNGLNPPGPPKRILIVGAGIAGLV
AGDLLTRAGHDVTILEANANRVGGRIKTFHAKKGEPSPFADPAQYAEAGAMRLPSFHPLTLALIDKLGLKRRLFFNVDID
PQTGNQDAPVPPVFYKSFKDGKTWTNGAPSPEFKEPDKRNHTWIRTNREQVRRAQYATDPSSINEGFHLTGCETRLTVSD
MVNQALEPVRDYYSVKQDDGTRVNKPFKEWLAGWADVVRDFDGYSMGRFLREYAEFSDEAVEAIGTIENMTSRLHLAFFH
SFLGRSDIDPRATYWEIEGGSRMLPETLAKDLRDQIVMGQRMVRLEYYDPGRDGHHGEGGGGSLTGPGGPAVAIQTVPEG
EPYGGGGSAATQTWTGDLAIVTIPFSSLRFVKVTPPFSYKKRRAVIETHYDQATKVLLEFSRRWWEFTEADWKRELDAIA
PGLYDYYQQWGEDDAEAAGGVRPATNAYGGGSTTDNPNRFMYYPSHPVPGTQGGVVLAAYSWSDDAARWDSFDDAERYGY
ALENLQSVHGRRIEVFYTGAGQTQSWLRDPYACGEAAVYTPHQMTAFHLDVVRPEGPVYFAGEHVSLKHAWIEGAVETAV
RAAIAVNEAPVGDTGVTAAAG
;
_entity_poly.pdbx_strand_id   A
#
# COMPACT_ATOMS: atom_id res chain seq x y z
N ALA A 23 23.55 -25.10 -0.49
CA ALA A 23 22.94 -24.59 -1.74
C ALA A 23 21.57 -23.95 -1.45
N ASN A 24 20.84 -24.55 -0.51
CA ASN A 24 19.69 -23.92 0.11
C ASN A 24 20.13 -22.73 0.97
N GLU A 25 21.10 -22.93 1.86
CA GLU A 25 21.56 -21.84 2.73
C GLU A 25 21.98 -20.66 1.85
N MET A 26 22.65 -20.98 0.75
CA MET A 26 23.12 -19.96 -0.17
C MET A 26 21.92 -19.14 -0.70
N THR A 27 20.83 -19.82 -1.07
CA THR A 27 19.61 -19.17 -1.54
C THR A 27 18.92 -18.28 -0.49
N TYR A 28 18.84 -18.78 0.75
CA TYR A 28 18.21 -18.04 1.83
C TYR A 28 18.95 -16.73 2.13
N GLU A 29 20.30 -16.81 2.14
CA GLU A 29 21.19 -15.67 2.31
C GLU A 29 20.89 -14.64 1.22
N GLN A 30 20.82 -15.11 -0.03
CA GLN A 30 20.60 -14.22 -1.15
C GLN A 30 19.25 -13.53 -1.04
N LEU A 31 18.23 -14.26 -0.52
CA LEU A 31 16.88 -13.74 -0.39
C LEU A 31 16.84 -12.68 0.71
N ALA A 32 17.57 -12.96 1.81
CA ALA A 32 17.61 -12.03 2.93
C ALA A 32 18.29 -10.73 2.48
N ARG A 33 19.35 -10.84 1.70
CA ARG A 33 19.95 -9.60 1.15
C ARG A 33 18.88 -8.84 0.36
N GLU A 34 18.11 -9.54 -0.47
CA GLU A 34 17.03 -8.91 -1.22
C GLU A 34 16.05 -8.22 -0.25
N LEU A 35 15.63 -8.96 0.77
CA LEU A 35 14.70 -8.43 1.74
C LEU A 35 15.26 -7.16 2.39
N LEU A 36 16.51 -7.23 2.89
CA LEU A 36 17.08 -6.18 3.73
C LEU A 36 17.81 -5.08 2.94
N LEU A 37 17.82 -5.17 1.63
CA LEU A 37 18.53 -4.19 0.75
C LEU A 37 20.02 -4.20 1.08
N VAL A 38 20.62 -5.38 1.10
CA VAL A 38 22.08 -5.50 1.33
C VAL A 38 22.72 -5.90 0.01
N GLY A 39 23.92 -5.40 -0.25
CA GLY A 39 24.59 -5.68 -1.52
C GLY A 39 25.43 -6.93 -1.46
N PRO A 40 26.13 -7.27 -2.55
CA PRO A 40 27.00 -8.43 -2.58
C PRO A 40 28.02 -8.52 -1.44
N ALA A 41 28.64 -9.69 -1.27
CA ALA A 41 29.51 -9.96 -0.10
C ALA A 41 30.77 -9.11 0.00
N PRO A 42 31.66 -9.08 -1.00
CA PRO A 42 32.87 -8.30 -0.80
C PRO A 42 32.42 -6.84 -0.79
N THR A 43 31.71 -6.40 0.26
CA THR A 43 31.25 -4.99 0.39
C THR A 43 30.03 -4.93 1.31
N ASN A 44 28.96 -5.64 0.98
CA ASN A 44 27.76 -5.68 1.86
C ASN A 44 27.21 -4.27 1.98
N GLU A 45 26.98 -3.60 0.86
CA GLU A 45 26.54 -2.18 0.84
C GLU A 45 25.11 -1.98 1.35
N ASP A 46 24.82 -0.80 1.90
CA ASP A 46 23.43 -0.47 2.30
C ASP A 46 22.77 0.14 1.07
N LEU A 47 22.00 -0.67 0.35
CA LEU A 47 21.37 -0.22 -0.89
C LEU A 47 20.32 0.84 -0.59
N LYS A 48 19.93 0.98 0.67
CA LYS A 48 19.03 2.11 1.00
C LYS A 48 19.84 3.39 0.84
N LEU A 49 21.09 3.40 1.28
CA LEU A 49 21.94 4.60 1.08
C LEU A 49 22.15 4.82 -0.41
N ARG A 50 22.38 3.77 -1.21
CA ARG A 50 22.63 4.04 -2.61
C ARG A 50 21.41 4.70 -3.25
N TYR A 51 20.20 4.18 -2.97
CA TYR A 51 18.97 4.67 -3.59
C TYR A 51 18.69 6.12 -3.19
N LEU A 52 18.87 6.44 -1.90
CA LEU A 52 18.65 7.79 -1.40
C LEU A 52 19.58 8.80 -2.10
N ASP A 53 20.88 8.49 -2.08
CA ASP A 53 21.91 9.24 -2.78
C ASP A 53 21.49 9.58 -4.21
N VAL A 54 21.18 8.52 -4.97
CA VAL A 54 20.88 8.59 -6.39
C VAL A 54 19.56 9.32 -6.59
N LEU A 55 18.47 8.80 -6.02
CA LEU A 55 17.16 9.42 -6.23
C LEU A 55 17.17 10.88 -5.77
N ILE A 56 17.77 11.14 -4.60
CA ILE A 56 17.58 12.39 -3.86
C ILE A 56 18.76 13.35 -4.08
N ASP A 57 19.99 12.92 -3.82
CA ASP A 57 21.09 13.87 -3.70
C ASP A 57 21.71 14.16 -5.07
N ASN A 58 22.06 13.11 -5.83
CA ASN A 58 23.01 13.25 -6.91
C ASN A 58 22.43 12.88 -8.28
N GLY A 59 21.43 12.01 -8.29
CA GLY A 59 21.02 11.38 -9.52
C GLY A 59 22.06 10.37 -10.00
N LEU A 60 22.05 10.20 -11.32
CA LEU A 60 22.93 9.29 -12.01
C LEU A 60 23.85 10.09 -12.91
N ASN A 61 25.08 9.58 -13.10
CA ASN A 61 26.02 10.05 -14.11
C ASN A 61 26.24 8.92 -15.12
N PRO A 62 25.91 9.07 -16.41
CA PRO A 62 26.12 7.98 -17.37
C PRO A 62 27.61 7.77 -17.59
N PRO A 63 28.14 6.53 -17.50
CA PRO A 63 29.57 6.27 -17.75
C PRO A 63 29.98 6.48 -19.21
N GLY A 64 29.00 6.54 -20.12
CA GLY A 64 29.25 6.77 -21.54
C GLY A 64 28.07 7.47 -22.21
N PRO A 65 27.94 7.35 -23.56
CA PRO A 65 26.89 8.07 -24.30
C PRO A 65 25.49 7.76 -23.77
N PRO A 66 24.54 8.73 -23.78
CA PRO A 66 23.13 8.42 -23.50
C PRO A 66 22.61 7.26 -24.34
N LYS A 67 21.62 6.53 -23.80
CA LYS A 67 21.01 5.39 -24.49
C LYS A 67 19.52 5.68 -24.73
N ARG A 68 18.95 5.00 -25.74
CA ARG A 68 17.51 4.96 -25.95
C ARG A 68 16.89 3.98 -24.95
N ILE A 69 15.96 4.47 -24.11
CA ILE A 69 15.36 3.61 -23.11
C ILE A 69 13.85 3.71 -23.18
N LEU A 70 13.20 2.54 -23.12
CA LEU A 70 11.75 2.46 -23.16
C LEU A 70 11.26 1.93 -21.82
N ILE A 71 10.17 2.57 -21.34
CA ILE A 71 9.61 2.25 -20.06
C ILE A 71 8.13 1.95 -20.26
N VAL A 72 7.69 0.83 -19.71
CA VAL A 72 6.30 0.46 -19.82
C VAL A 72 5.69 0.68 -18.46
N GLY A 73 4.70 1.56 -18.43
CA GLY A 73 3.93 1.83 -17.24
C GLY A 73 4.36 3.15 -16.62
N ALA A 74 3.36 4.03 -16.45
CA ALA A 74 3.52 5.33 -15.86
C ALA A 74 2.82 5.35 -14.50
N GLY A 75 2.97 4.25 -13.74
CA GLY A 75 2.75 4.24 -12.31
C GLY A 75 4.02 4.74 -11.63
N ILE A 76 4.10 4.64 -10.31
CA ILE A 76 5.17 5.27 -9.55
C ILE A 76 6.54 4.76 -9.97
N ALA A 77 6.67 3.46 -10.26
CA ALA A 77 7.98 2.89 -10.58
C ALA A 77 8.46 3.42 -11.93
N GLY A 78 7.58 3.43 -12.93
CA GLY A 78 7.94 3.88 -14.26
C GLY A 78 8.26 5.38 -14.31
N LEU A 79 7.55 6.17 -13.49
CA LEU A 79 7.79 7.60 -13.38
C LEU A 79 9.13 7.84 -12.69
N VAL A 80 9.37 7.21 -11.55
CA VAL A 80 10.61 7.42 -10.83
C VAL A 80 11.80 7.11 -11.73
N ALA A 81 11.81 5.95 -12.39
CA ALA A 81 12.94 5.60 -13.23
C ALA A 81 12.97 6.51 -14.46
N GLY A 82 11.80 6.91 -14.95
CA GLY A 82 11.72 7.81 -16.11
C GLY A 82 12.41 9.15 -15.83
N ASP A 83 12.23 9.63 -14.60
CA ASP A 83 12.70 10.94 -14.18
C ASP A 83 14.22 10.90 -14.03
N LEU A 84 14.71 9.86 -13.34
CA LEU A 84 16.13 9.68 -13.12
C LEU A 84 16.88 9.56 -14.44
N LEU A 85 16.30 8.86 -15.43
CA LEU A 85 17.07 8.52 -16.60
C LEU A 85 17.02 9.67 -17.61
N THR A 86 15.92 10.43 -17.57
CA THR A 86 15.75 11.65 -18.35
C THR A 86 16.69 12.75 -17.84
N ARG A 87 16.75 12.90 -16.50
CA ARG A 87 17.54 13.95 -15.88
C ARG A 87 19.04 13.70 -16.03
N ALA A 88 19.44 12.44 -16.18
CA ALA A 88 20.82 12.08 -16.44
C ALA A 88 21.14 12.16 -17.93
N GLY A 89 20.16 12.40 -18.81
CA GLY A 89 20.45 12.76 -20.20
C GLY A 89 20.12 11.69 -21.26
N HIS A 90 19.48 10.60 -20.83
CA HIS A 90 19.08 9.48 -21.68
C HIS A 90 17.80 9.82 -22.45
N ASP A 91 17.62 9.17 -23.60
CA ASP A 91 16.44 9.37 -24.42
C ASP A 91 15.39 8.36 -23.95
N VAL A 92 14.44 8.83 -23.16
CA VAL A 92 13.45 7.99 -22.53
C VAL A 92 12.09 8.15 -23.22
N THR A 93 11.43 7.01 -23.43
CA THR A 93 10.01 7.00 -23.78
C THR A 93 9.26 6.13 -22.76
N ILE A 94 8.13 6.64 -22.28
CA ILE A 94 7.30 5.94 -21.31
C ILE A 94 5.97 5.65 -21.98
N LEU A 95 5.65 4.35 -22.11
CA LEU A 95 4.40 3.93 -22.72
C LEU A 95 3.44 3.50 -21.61
N GLU A 96 2.32 4.22 -21.53
CA GLU A 96 1.28 4.03 -20.53
C GLU A 96 -0.01 3.69 -21.25
N ALA A 97 -0.52 2.49 -21.01
CA ALA A 97 -1.77 2.02 -21.66
C ALA A 97 -2.93 2.95 -21.36
N ASN A 98 -2.96 3.49 -20.16
CA ASN A 98 -4.08 4.32 -19.77
C ASN A 98 -4.12 5.59 -20.61
N ALA A 99 -5.31 6.04 -20.98
CA ALA A 99 -5.40 7.17 -21.92
C ALA A 99 -5.45 8.51 -21.21
N ASN A 100 -5.88 8.54 -19.96
CA ASN A 100 -6.08 9.84 -19.34
C ASN A 100 -5.44 9.94 -17.96
N ARG A 101 -4.73 8.89 -17.51
CA ARG A 101 -4.33 8.87 -16.11
C ARG A 101 -3.03 8.11 -15.91
N VAL A 102 -2.05 8.79 -15.32
CA VAL A 102 -0.84 8.17 -14.81
C VAL A 102 -1.04 7.87 -13.32
N GLY A 103 -0.20 6.99 -12.78
CA GLY A 103 -0.17 6.80 -11.35
C GLY A 103 -0.63 5.40 -10.91
N GLY A 104 -1.40 4.71 -11.76
CA GLY A 104 -1.68 3.29 -11.53
C GLY A 104 -2.47 3.06 -10.24
N ARG A 105 -1.89 2.32 -9.29
CA ARG A 105 -2.57 2.05 -8.03
C ARG A 105 -2.44 3.22 -7.06
N ILE A 106 -1.87 4.35 -7.52
CA ILE A 106 -2.03 5.64 -6.86
C ILE A 106 -3.14 6.42 -7.59
N LYS A 107 -4.33 6.47 -6.99
CA LYS A 107 -5.48 7.02 -7.67
C LYS A 107 -6.34 7.78 -6.69
N THR A 108 -6.54 9.08 -6.94
CA THR A 108 -7.39 9.90 -6.11
C THR A 108 -8.65 10.31 -6.86
N PHE A 109 -9.80 10.20 -6.21
CA PHE A 109 -11.01 10.84 -6.73
C PHE A 109 -10.97 12.34 -6.42
N HIS A 110 -10.73 13.15 -7.45
CA HIS A 110 -10.65 14.60 -7.27
C HIS A 110 -11.38 15.29 -8.42
N ALA A 111 -11.97 16.44 -8.08
CA ALA A 111 -12.59 17.34 -9.04
C ALA A 111 -11.52 17.89 -9.98
N LYS A 112 -11.86 17.87 -11.27
CA LYS A 112 -10.99 18.31 -12.34
C LYS A 112 -11.82 19.24 -13.24
N LYS A 113 -11.27 20.42 -13.56
CA LYS A 113 -11.97 21.41 -14.36
C LYS A 113 -12.48 20.75 -15.64
N GLY A 114 -13.80 20.83 -15.88
CA GLY A 114 -14.37 20.47 -17.17
C GLY A 114 -15.27 19.23 -17.12
N GLU A 115 -15.13 18.41 -16.07
CA GLU A 115 -16.05 17.32 -15.81
C GLU A 115 -16.68 17.56 -14.43
N PRO A 116 -17.87 16.99 -14.13
CA PRO A 116 -18.47 17.13 -12.80
C PRO A 116 -17.59 16.57 -11.67
N SER A 117 -17.73 17.18 -10.50
CA SER A 117 -16.94 16.79 -9.35
C SER A 117 -17.31 15.38 -8.92
N PRO A 118 -16.35 14.55 -8.44
CA PRO A 118 -16.67 13.19 -7.96
C PRO A 118 -17.56 13.18 -6.72
N PHE A 119 -17.55 14.26 -5.93
CA PHE A 119 -18.46 14.39 -4.80
C PHE A 119 -19.21 15.72 -4.91
N ALA A 120 -20.41 15.77 -4.32
CA ALA A 120 -21.31 16.91 -4.43
C ALA A 120 -20.57 18.21 -4.09
N ASP A 121 -19.89 18.23 -2.93
CA ASP A 121 -18.94 19.28 -2.62
C ASP A 121 -17.70 19.11 -3.50
N PRO A 122 -17.42 20.04 -4.44
CA PRO A 122 -16.32 19.90 -5.41
C PRO A 122 -14.91 20.05 -4.84
N ALA A 123 -14.83 20.46 -3.57
CA ALA A 123 -13.58 20.56 -2.86
C ALA A 123 -13.17 19.19 -2.33
N GLN A 124 -14.15 18.30 -2.12
CA GLN A 124 -13.89 17.00 -1.48
C GLN A 124 -13.09 16.11 -2.42
N TYR A 125 -12.17 15.30 -1.85
CA TYR A 125 -11.48 14.24 -2.59
C TYR A 125 -11.27 12.99 -1.72
N ALA A 126 -10.94 11.86 -2.34
CA ALA A 126 -10.62 10.68 -1.54
C ALA A 126 -9.80 9.67 -2.34
N GLU A 127 -9.17 8.74 -1.61
CA GLU A 127 -8.21 7.85 -2.24
C GLU A 127 -8.95 6.63 -2.79
N ALA A 128 -8.71 6.34 -4.08
CA ALA A 128 -9.10 5.07 -4.67
C ALA A 128 -8.06 3.99 -4.34
N GLY A 129 -6.77 4.35 -4.35
CA GLY A 129 -5.69 3.41 -4.14
C GLY A 129 -4.91 3.74 -2.87
N ALA A 130 -3.55 3.71 -2.97
CA ALA A 130 -2.65 3.97 -1.85
C ALA A 130 -3.07 5.21 -1.07
N MET A 131 -2.99 5.12 0.27
CA MET A 131 -3.49 6.18 1.12
C MET A 131 -2.53 6.52 2.26
N ARG A 132 -1.56 5.65 2.60
CA ARG A 132 -0.70 5.93 3.73
C ARG A 132 0.73 5.41 3.52
N LEU A 133 1.69 6.19 4.02
CA LEU A 133 3.11 5.96 3.82
C LEU A 133 3.79 5.83 5.17
N PRO A 134 4.50 4.70 5.43
CA PRO A 134 5.15 4.48 6.72
C PRO A 134 6.41 5.33 6.79
N SER A 135 6.78 5.71 8.03
CA SER A 135 7.99 6.46 8.28
C SER A 135 9.20 5.52 8.31
N PHE A 136 8.97 4.21 8.42
CA PHE A 136 10.05 3.26 8.21
C PHE A 136 10.22 2.99 6.70
N HIS A 137 9.70 3.87 5.84
CA HIS A 137 9.90 3.79 4.39
C HIS A 137 10.53 5.08 3.85
N PRO A 138 11.87 5.22 3.98
CA PRO A 138 12.53 6.48 3.63
C PRO A 138 12.50 7.04 2.21
N LEU A 139 12.79 6.24 1.19
CA LEU A 139 12.93 6.75 -0.19
C LEU A 139 11.69 7.50 -0.66
N THR A 140 10.50 6.98 -0.38
CA THR A 140 9.29 7.59 -0.89
C THR A 140 9.02 8.93 -0.17
N LEU A 141 9.30 8.95 1.14
CA LEU A 141 9.17 10.17 1.96
C LEU A 141 10.21 11.20 1.55
N ALA A 142 11.46 10.79 1.38
CA ALA A 142 12.46 11.67 0.79
C ALA A 142 11.99 12.26 -0.56
N LEU A 143 11.39 11.43 -1.43
CA LEU A 143 11.04 11.87 -2.78
C LEU A 143 9.88 12.86 -2.73
N ILE A 144 9.06 12.80 -1.67
CA ILE A 144 7.91 13.68 -1.58
C ILE A 144 8.38 15.08 -1.16
N ASP A 145 9.23 15.10 -0.11
CA ASP A 145 9.98 16.29 0.28
C ASP A 145 10.74 16.88 -0.91
N LYS A 146 11.56 16.09 -1.62
CA LYS A 146 12.34 16.64 -2.73
C LYS A 146 11.45 17.33 -3.76
N LEU A 147 10.20 16.86 -3.93
CA LEU A 147 9.28 17.46 -4.89
C LEU A 147 8.51 18.61 -4.23
N GLY A 148 8.80 18.89 -2.96
CA GLY A 148 8.19 20.00 -2.28
C GLY A 148 6.68 19.82 -2.19
N LEU A 149 6.28 18.57 -1.92
CA LEU A 149 4.90 18.22 -1.63
C LEU A 149 4.77 18.20 -0.11
N LYS A 150 3.58 18.54 0.40
CA LYS A 150 3.39 18.71 1.84
C LYS A 150 2.77 17.44 2.39
N ARG A 151 3.27 16.98 3.54
CA ARG A 151 2.81 15.73 4.09
C ARG A 151 2.35 15.96 5.51
N ARG A 152 1.34 15.19 5.86
CA ARG A 152 0.72 15.28 7.20
C ARG A 152 0.55 13.86 7.71
N LEU A 153 0.22 13.74 8.98
CA LEU A 153 0.12 12.42 9.61
C LEU A 153 -1.14 11.69 9.17
N PHE A 154 -1.00 10.44 8.74
CA PHE A 154 -2.15 9.60 8.51
C PHE A 154 -2.50 8.89 9.82
N PHE A 155 -3.72 9.15 10.29
CA PHE A 155 -4.18 8.58 11.58
C PHE A 155 -4.75 7.20 11.35
N ASN A 156 -3.90 6.20 11.49
CA ASN A 156 -4.30 4.82 11.34
C ASN A 156 -5.07 4.35 12.58
N VAL A 157 -4.83 4.96 13.74
CA VAL A 157 -5.69 4.85 14.92
C VAL A 157 -6.25 6.23 15.27
N ASP A 158 -7.49 6.28 15.75
CA ASP A 158 -8.15 7.55 15.98
C ASP A 158 -7.47 8.22 17.16
N ILE A 159 -7.42 9.57 17.13
CA ILE A 159 -6.53 10.36 17.99
C ILE A 159 -7.32 11.34 18.83
N ASP A 160 -6.63 11.87 19.87
CA ASP A 160 -7.08 13.07 20.55
C ASP A 160 -6.52 14.28 19.80
N PRO A 161 -7.36 15.12 19.17
CA PRO A 161 -6.86 16.23 18.34
C PRO A 161 -6.55 17.53 19.08
N GLN A 162 -6.77 17.57 20.41
CA GLN A 162 -6.31 18.64 21.27
C GLN A 162 -5.00 18.19 21.95
N THR A 163 -4.27 17.23 21.33
CA THR A 163 -2.93 16.82 21.79
C THR A 163 -1.96 16.70 20.61
N GLY A 164 -0.66 16.63 20.97
CA GLY A 164 0.42 16.60 20.00
C GLY A 164 0.80 17.99 19.53
N ASN A 165 1.84 18.08 18.70
CA ASN A 165 2.17 19.29 18.00
C ASN A 165 2.38 18.97 16.53
N GLN A 166 1.40 19.30 15.68
CA GLN A 166 1.59 19.12 14.23
C GLN A 166 1.85 20.45 13.53
N ASP A 167 1.88 21.56 14.26
CA ASP A 167 2.08 22.90 13.66
C ASP A 167 3.57 23.06 13.42
N ALA A 168 4.38 22.36 14.20
CA ALA A 168 5.83 22.35 14.00
C ALA A 168 6.17 21.76 12.63
N PRO A 169 7.39 22.02 12.11
CA PRO A 169 7.79 21.51 10.80
C PRO A 169 7.77 19.99 10.78
N VAL A 170 7.52 19.43 9.59
CA VAL A 170 7.50 17.99 9.48
C VAL A 170 8.90 17.47 9.78
N PRO A 171 9.02 16.39 10.59
CA PRO A 171 10.33 15.81 10.85
C PRO A 171 10.98 15.49 9.52
N PRO A 172 12.31 15.74 9.37
CA PRO A 172 13.03 15.36 8.16
C PRO A 172 13.12 13.84 8.11
N VAL A 173 13.33 13.30 6.92
CA VAL A 173 13.54 11.88 6.81
C VAL A 173 14.87 11.57 7.49
N PHE A 174 14.84 10.62 8.42
CA PHE A 174 16.03 10.26 9.15
C PHE A 174 16.21 8.74 9.09
N TYR A 175 17.20 8.29 8.33
CA TYR A 175 17.49 6.84 8.19
C TYR A 175 18.80 6.45 8.87
N LYS A 176 18.81 5.29 9.51
CA LYS A 176 20.04 4.78 10.15
C LYS A 176 20.47 3.51 9.41
N SER A 177 21.73 3.44 9.01
CA SER A 177 22.22 2.28 8.24
C SER A 177 22.73 1.19 9.18
N PHE A 178 22.96 0.00 8.65
CA PHE A 178 23.58 -1.08 9.44
C PHE A 178 25.08 -0.96 9.25
N LYS A 179 25.51 -0.01 8.42
CA LYS A 179 26.95 0.15 8.09
C LYS A 179 27.68 0.83 9.25
N ASP A 180 26.95 1.31 10.25
CA ASP A 180 27.60 1.84 11.48
C ASP A 180 27.91 3.33 11.39
N GLY A 181 27.05 4.14 11.99
CA GLY A 181 27.33 5.58 12.06
C GLY A 181 27.01 6.26 10.76
N LYS A 182 26.66 5.47 9.77
CA LYS A 182 26.24 6.10 8.50
C LYS A 182 24.76 6.44 8.65
N THR A 183 24.41 7.71 8.46
CA THR A 183 22.99 8.10 8.56
C THR A 183 22.60 8.93 7.34
N TRP A 184 21.32 9.01 7.03
CA TRP A 184 20.88 9.89 5.93
C TRP A 184 19.67 10.72 6.38
N THR A 185 19.74 12.02 6.15
CA THR A 185 18.64 12.93 6.42
C THR A 185 18.54 13.93 5.26
N ASN A 186 17.41 14.66 5.18
CA ASN A 186 17.18 15.59 4.10
C ASN A 186 16.87 17.00 4.62
N GLY A 187 17.17 17.24 5.90
CA GLY A 187 16.97 18.55 6.50
C GLY A 187 17.32 18.53 7.97
N ALA A 188 17.06 19.68 8.63
CA ALA A 188 17.40 19.84 10.05
C ALA A 188 16.34 19.16 10.91
N PRO A 189 16.64 18.75 12.16
CA PRO A 189 15.64 18.12 13.01
C PRO A 189 14.43 19.02 13.27
N SER A 190 13.29 18.38 13.57
CA SER A 190 12.13 19.05 14.12
C SER A 190 11.76 18.39 15.44
N PRO A 191 12.45 18.77 16.53
CA PRO A 191 12.23 18.14 17.84
C PRO A 191 10.91 18.49 18.52
N GLU A 192 10.25 19.60 18.14
CA GLU A 192 8.99 19.95 18.77
C GLU A 192 7.80 19.36 18.00
N PHE A 193 8.03 18.70 16.86
CA PHE A 193 6.95 18.01 16.18
C PHE A 193 6.61 16.70 16.91
N LYS A 194 5.32 16.39 17.02
CA LYS A 194 4.85 15.36 17.92
C LYS A 194 3.46 14.85 17.48
N GLU A 195 3.34 13.54 17.31
CA GLU A 195 2.07 13.02 16.84
C GLU A 195 1.05 13.06 17.97
N PRO A 196 -0.26 13.20 17.65
CA PRO A 196 -1.32 13.18 18.66
C PRO A 196 -1.44 11.85 19.41
N ASP A 197 -1.94 11.91 20.64
CA ASP A 197 -2.17 10.71 21.42
C ASP A 197 -3.24 9.88 20.71
N LYS A 198 -3.06 8.56 20.72
CA LYS A 198 -4.06 7.62 20.25
C LYS A 198 -5.16 7.56 21.30
N ARG A 199 -6.43 7.56 20.85
CA ARG A 199 -7.58 7.54 21.79
C ARG A 199 -8.27 6.18 21.74
N ASN A 200 -8.43 5.60 20.55
CA ASN A 200 -9.05 4.30 20.37
C ASN A 200 -10.52 4.37 20.80
N HIS A 201 -11.26 5.34 20.28
CA HIS A 201 -12.70 5.47 20.61
C HIS A 201 -13.51 4.86 19.47
N THR A 202 -12.86 4.53 18.37
CA THR A 202 -13.51 3.86 17.25
C THR A 202 -13.98 2.45 17.63
N TRP A 203 -14.69 1.78 16.69
CA TRP A 203 -15.49 0.62 17.03
C TRP A 203 -14.84 -0.68 16.55
N ILE A 204 -15.15 -1.75 17.31
CA ILE A 204 -15.08 -3.13 16.86
C ILE A 204 -16.50 -3.70 16.92
N ARG A 205 -17.06 -4.08 15.76
CA ARG A 205 -18.38 -4.67 15.75
C ARG A 205 -18.30 -6.03 15.05
N THR A 206 -18.20 -7.09 15.88
CA THR A 206 -18.10 -8.46 15.42
C THR A 206 -19.10 -9.32 16.19
N ASN A 207 -19.77 -10.22 15.47
CA ASN A 207 -20.66 -11.19 16.15
C ASN A 207 -21.80 -10.44 16.84
N ARG A 208 -22.32 -9.40 16.19
CA ARG A 208 -23.45 -8.62 16.72
C ARG A 208 -23.08 -7.98 18.06
N GLU A 209 -21.79 -7.96 18.39
CA GLU A 209 -21.32 -7.28 19.62
C GLU A 209 -20.54 -6.04 19.20
N GLN A 210 -20.44 -5.04 20.06
CA GLN A 210 -19.78 -3.79 19.72
C GLN A 210 -19.10 -3.13 20.92
N VAL A 211 -17.79 -2.85 20.78
CA VAL A 211 -17.10 -2.04 21.77
C VAL A 211 -16.10 -1.09 21.10
N ARG A 212 -15.55 -0.19 21.92
CA ARG A 212 -14.50 0.69 21.49
C ARG A 212 -13.18 -0.05 21.61
N ARG A 213 -12.28 0.24 20.68
CA ARG A 213 -10.96 -0.39 20.71
C ARG A 213 -10.37 -0.31 22.12
N ALA A 214 -10.65 0.77 22.86
CA ALA A 214 -10.06 0.99 24.19
C ALA A 214 -10.67 0.07 25.23
N GLN A 215 -11.95 -0.25 25.04
CA GLN A 215 -12.69 -1.18 25.89
C GLN A 215 -12.16 -2.58 25.68
N TYR A 216 -11.98 -2.98 24.42
CA TYR A 216 -11.40 -4.27 24.06
C TYR A 216 -10.04 -4.37 24.73
N ALA A 217 -9.25 -3.30 24.70
CA ALA A 217 -7.89 -3.35 25.21
C ALA A 217 -7.87 -3.61 26.72
N THR A 218 -8.84 -3.05 27.45
CA THR A 218 -8.82 -3.16 28.90
C THR A 218 -9.48 -4.47 29.31
N ASP A 219 -10.46 -4.90 28.51
CA ASP A 219 -11.15 -6.14 28.78
C ASP A 219 -11.56 -6.78 27.45
N PRO A 220 -10.74 -7.67 26.86
CA PRO A 220 -11.06 -8.27 25.57
C PRO A 220 -12.07 -9.43 25.52
N SER A 221 -12.50 -9.93 26.67
CA SER A 221 -13.47 -11.05 26.74
C SER A 221 -14.77 -10.73 26.01
N SER A 222 -15.28 -9.52 26.21
CA SER A 222 -16.50 -9.08 25.51
C SER A 222 -16.53 -9.55 24.06
N ILE A 223 -15.55 -9.12 23.27
CA ILE A 223 -15.52 -9.45 21.83
C ILE A 223 -15.00 -10.88 21.65
N ASN A 224 -14.22 -11.38 22.60
CA ASN A 224 -13.63 -12.70 22.38
C ASN A 224 -14.66 -13.81 22.59
N GLU A 225 -15.66 -13.61 23.43
CA GLU A 225 -16.60 -14.72 23.66
C GLU A 225 -17.48 -14.83 22.41
N GLY A 226 -17.63 -13.72 21.70
CA GLY A 226 -18.41 -13.71 20.49
C GLY A 226 -17.75 -14.54 19.42
N PHE A 227 -16.42 -14.69 19.53
CA PHE A 227 -15.62 -15.48 18.61
C PHE A 227 -15.44 -16.90 19.16
N HIS A 228 -15.96 -17.13 20.37
CA HIS A 228 -15.94 -18.44 21.00
C HIS A 228 -14.50 -18.87 21.25
N LEU A 229 -13.62 -17.90 21.54
CA LEU A 229 -12.32 -18.19 22.13
C LEU A 229 -12.57 -18.65 23.57
N THR A 230 -11.89 -19.71 24.00
CA THR A 230 -12.04 -20.08 25.39
C THR A 230 -10.69 -20.11 26.09
N GLY A 231 -10.68 -20.59 27.34
CA GLY A 231 -9.46 -20.86 28.08
C GLY A 231 -8.61 -19.61 28.31
N CYS A 232 -7.31 -19.74 28.01
CA CYS A 232 -6.38 -18.65 28.25
C CYS A 232 -6.37 -17.65 27.08
N GLU A 233 -6.98 -17.99 25.93
CA GLU A 233 -7.05 -17.05 24.82
C GLU A 233 -8.05 -15.91 25.11
N THR A 234 -9.20 -16.25 25.71
CA THR A 234 -10.26 -15.29 25.96
C THR A 234 -9.72 -14.03 26.63
N ARG A 235 -8.65 -14.20 27.43
CA ARG A 235 -8.14 -13.15 28.31
C ARG A 235 -7.20 -12.20 27.56
N LEU A 236 -6.89 -12.48 26.28
CA LEU A 236 -5.81 -11.81 25.55
C LEU A 236 -6.42 -11.08 24.37
N THR A 237 -5.82 -9.95 24.00
CA THR A 237 -6.21 -9.20 22.82
C THR A 237 -5.66 -9.96 21.62
N VAL A 238 -6.33 -9.80 20.46
CA VAL A 238 -5.77 -10.36 19.24
C VAL A 238 -4.41 -9.70 18.96
N SER A 239 -4.30 -8.39 19.21
CA SER A 239 -3.04 -7.67 19.06
C SER A 239 -1.90 -8.37 19.78
N ASP A 240 -2.11 -8.75 21.06
CA ASP A 240 -1.04 -9.29 21.91
C ASP A 240 -0.69 -10.70 21.44
N MET A 241 -1.73 -11.47 21.08
CA MET A 241 -1.56 -12.79 20.51
C MET A 241 -0.64 -12.73 19.30
N VAL A 242 -0.98 -11.87 18.30
CA VAL A 242 -0.16 -11.79 17.10
C VAL A 242 1.27 -11.36 17.45
N ASN A 243 1.41 -10.34 18.31
CA ASN A 243 2.74 -9.87 18.68
C ASN A 243 3.55 -10.95 19.35
N GLN A 244 2.95 -11.72 20.27
CA GLN A 244 3.68 -12.73 21.01
C GLN A 244 4.11 -13.83 20.07
N ALA A 245 3.14 -14.28 19.25
CA ALA A 245 3.39 -15.22 18.19
C ALA A 245 4.65 -14.85 17.41
N LEU A 246 4.77 -13.58 17.00
CA LEU A 246 5.90 -13.16 16.16
C LEU A 246 7.19 -12.95 16.95
N GLU A 247 7.14 -12.75 18.28
CA GLU A 247 8.33 -12.45 19.05
C GLU A 247 9.44 -13.48 18.82
N PRO A 248 9.23 -14.81 18.92
CA PRO A 248 10.34 -15.73 18.70
C PRO A 248 10.93 -15.53 17.30
N VAL A 249 10.07 -15.27 16.31
CA VAL A 249 10.54 -15.06 14.95
C VAL A 249 11.52 -13.87 14.94
N ARG A 250 11.07 -12.76 15.57
CA ARG A 250 11.87 -11.54 15.65
C ARG A 250 13.23 -11.80 16.28
N ASP A 251 13.28 -12.67 17.30
CA ASP A 251 14.46 -13.02 18.05
C ASP A 251 15.55 -13.62 17.14
N TYR A 252 15.17 -14.06 15.96
CA TYR A 252 16.14 -14.67 15.01
C TYR A 252 17.13 -13.63 14.50
N TYR A 253 16.74 -12.37 14.41
CA TYR A 253 17.61 -11.33 13.78
C TYR A 253 17.72 -10.10 14.67
N SER A 254 17.26 -10.20 15.90
CA SER A 254 17.26 -9.05 16.80
C SER A 254 17.12 -9.56 18.22
N VAL A 255 17.15 -8.62 19.17
CA VAL A 255 17.12 -8.96 20.57
C VAL A 255 16.32 -7.90 21.33
N LYS A 256 15.41 -8.40 22.16
CA LYS A 256 14.61 -7.50 23.03
C LYS A 256 15.47 -7.25 24.25
N GLN A 257 15.98 -6.03 24.37
CA GLN A 257 16.88 -5.66 25.45
C GLN A 257 16.07 -5.48 26.73
N ASP A 258 16.77 -5.45 27.87
CA ASP A 258 16.12 -5.34 29.17
C ASP A 258 15.29 -4.06 29.23
N ASP A 259 15.65 -3.02 28.45
CA ASP A 259 14.85 -1.80 28.31
C ASP A 259 13.43 -2.12 27.87
N GLY A 260 13.20 -3.33 27.35
CA GLY A 260 11.96 -3.68 26.70
C GLY A 260 11.93 -3.22 25.24
N THR A 261 13.08 -2.78 24.72
CA THR A 261 13.18 -2.31 23.34
C THR A 261 13.81 -3.41 22.49
N ARG A 262 13.87 -3.20 21.16
CA ARG A 262 14.36 -4.22 20.24
C ARG A 262 15.43 -3.64 19.30
N VAL A 263 16.62 -4.23 19.32
CA VAL A 263 17.70 -3.81 18.43
C VAL A 263 18.18 -4.98 17.58
N ASN A 264 18.52 -4.66 16.34
CA ASN A 264 18.98 -5.71 15.40
C ASN A 264 20.32 -6.23 15.92
N LYS A 265 20.61 -7.48 15.64
CA LYS A 265 21.88 -8.11 16.10
C LYS A 265 23.02 -7.61 15.21
N PRO A 266 24.26 -8.10 15.38
CA PRO A 266 25.35 -7.75 14.49
C PRO A 266 25.13 -8.26 13.05
N PHE A 267 25.49 -7.46 12.05
CA PHE A 267 25.22 -7.77 10.62
C PHE A 267 25.22 -9.26 10.30
N LYS A 268 26.27 -9.97 10.67
CA LYS A 268 26.37 -11.39 10.27
C LYS A 268 25.21 -12.18 10.88
N GLU A 269 25.01 -12.04 12.18
CA GLU A 269 23.96 -12.83 12.87
C GLU A 269 22.59 -12.22 12.54
N TRP A 270 22.58 -10.96 12.08
CA TRP A 270 21.32 -10.29 11.67
C TRP A 270 20.90 -10.82 10.29
N LEU A 271 21.86 -11.05 9.41
CA LEU A 271 21.55 -11.52 8.04
C LEU A 271 21.28 -13.01 8.08
N ALA A 272 22.16 -13.77 8.73
CA ALA A 272 21.92 -15.22 8.88
C ALA A 272 20.56 -15.42 9.52
N GLY A 273 20.18 -14.51 10.40
CA GLY A 273 18.88 -14.62 11.08
C GLY A 273 17.74 -14.46 10.11
N TRP A 274 17.81 -13.40 9.30
CA TRP A 274 16.78 -13.22 8.30
C TRP A 274 16.78 -14.39 7.31
N ALA A 275 17.97 -14.83 6.86
CA ALA A 275 18.09 -16.08 6.09
C ALA A 275 17.39 -17.23 6.79
N ASP A 276 17.55 -17.38 8.12
CA ASP A 276 16.93 -18.51 8.80
C ASP A 276 15.42 -18.27 8.95
N VAL A 277 14.96 -17.02 8.88
CA VAL A 277 13.54 -16.71 8.87
C VAL A 277 12.98 -17.22 7.55
N VAL A 278 13.68 -16.93 6.45
CA VAL A 278 13.21 -17.34 5.13
C VAL A 278 13.05 -18.86 5.10
N ARG A 279 14.10 -19.56 5.56
CA ARG A 279 14.16 -21.02 5.58
C ARG A 279 12.99 -21.61 6.37
N ASP A 280 12.82 -21.14 7.60
CA ASP A 280 11.98 -21.82 8.58
C ASP A 280 10.51 -21.45 8.38
N PHE A 281 10.19 -20.35 7.67
CA PHE A 281 8.83 -19.81 7.71
C PHE A 281 8.21 -19.49 6.35
N ASP A 282 8.96 -19.55 5.24
CA ASP A 282 8.34 -19.27 3.96
C ASP A 282 7.40 -20.41 3.58
N GLY A 283 7.52 -21.58 4.21
CA GLY A 283 6.73 -22.76 3.90
C GLY A 283 5.32 -22.62 4.47
N TYR A 284 5.16 -21.61 5.31
CA TYR A 284 3.94 -21.39 6.06
C TYR A 284 3.10 -20.36 5.36
N SER A 285 1.79 -20.49 5.55
CA SER A 285 0.88 -19.37 5.50
C SER A 285 0.72 -18.79 6.91
N MET A 286 0.15 -17.58 6.97
CA MET A 286 -0.10 -16.90 8.22
C MET A 286 -1.02 -17.76 9.09
N GLY A 287 -2.07 -18.28 8.44
CA GLY A 287 -2.99 -19.17 9.11
C GLY A 287 -2.27 -20.40 9.67
N ARG A 288 -1.44 -21.05 8.85
CA ARG A 288 -0.80 -22.26 9.33
C ARG A 288 0.24 -21.92 10.41
N PHE A 289 0.80 -20.70 10.39
CA PHE A 289 1.74 -20.25 11.39
C PHE A 289 1.04 -20.14 12.75
N LEU A 290 -0.08 -19.40 12.76
CA LEU A 290 -0.87 -19.17 13.95
C LEU A 290 -1.42 -20.47 14.56
N ARG A 291 -1.98 -21.36 13.71
CA ARG A 291 -2.45 -22.68 14.12
C ARG A 291 -1.30 -23.55 14.63
N GLU A 292 -0.31 -23.79 13.77
CA GLU A 292 0.64 -24.87 13.98
C GLU A 292 1.83 -24.44 14.83
N TYR A 293 2.35 -23.23 14.60
CA TYR A 293 3.55 -22.75 15.29
C TYR A 293 3.23 -22.10 16.63
N ALA A 294 2.25 -21.17 16.60
CA ALA A 294 1.81 -20.46 17.78
C ALA A 294 0.69 -21.22 18.50
N GLU A 295 0.30 -22.35 17.93
CA GLU A 295 -0.70 -23.27 18.53
C GLU A 295 -1.95 -22.52 18.99
N PHE A 296 -2.56 -21.79 18.07
CA PHE A 296 -3.80 -21.10 18.42
C PHE A 296 -5.01 -21.90 17.92
N SER A 297 -6.11 -21.76 18.66
CA SER A 297 -7.40 -22.35 18.30
C SER A 297 -7.90 -21.80 16.96
N ASP A 298 -8.68 -22.59 16.26
CA ASP A 298 -9.28 -22.11 15.00
C ASP A 298 -10.12 -20.88 15.34
N GLU A 299 -10.58 -20.76 16.58
CA GLU A 299 -11.44 -19.62 16.88
C GLU A 299 -10.65 -18.31 17.00
N ALA A 300 -9.41 -18.44 17.51
CA ALA A 300 -8.47 -17.36 17.72
C ALA A 300 -7.98 -16.84 16.37
N VAL A 301 -7.67 -17.77 15.46
CA VAL A 301 -7.31 -17.43 14.10
C VAL A 301 -8.47 -16.72 13.41
N GLU A 302 -9.70 -17.20 13.68
CA GLU A 302 -10.87 -16.54 13.14
C GLU A 302 -10.85 -15.07 13.58
N ALA A 303 -10.82 -14.87 14.90
CA ALA A 303 -10.82 -13.55 15.53
C ALA A 303 -9.66 -12.68 15.07
N ILE A 304 -8.45 -13.24 15.07
CA ILE A 304 -7.26 -12.54 14.59
C ILE A 304 -7.51 -12.04 13.18
N GLY A 305 -7.97 -12.94 12.29
CA GLY A 305 -8.22 -12.58 10.90
C GLY A 305 -9.17 -11.39 10.75
N THR A 306 -10.26 -11.36 11.52
CA THR A 306 -11.31 -10.36 11.34
C THR A 306 -10.82 -9.04 11.93
N ILE A 307 -10.30 -9.09 13.15
CA ILE A 307 -9.92 -7.86 13.83
C ILE A 307 -8.68 -7.26 13.17
N GLU A 308 -7.69 -8.10 12.79
CA GLU A 308 -6.40 -7.63 12.32
C GLU A 308 -6.23 -7.68 10.79
N ASN A 309 -7.34 -7.65 10.04
CA ASN A 309 -7.37 -7.56 8.57
C ASN A 309 -6.64 -8.70 7.88
N MET A 310 -6.56 -9.85 8.53
CA MET A 310 -5.76 -10.94 7.96
C MET A 310 -6.65 -12.01 7.30
N THR A 311 -7.97 -11.98 7.51
CA THR A 311 -8.84 -13.12 7.20
C THR A 311 -8.53 -13.70 5.82
N SER A 312 -8.63 -12.84 4.79
CA SER A 312 -8.55 -13.20 3.39
C SER A 312 -7.11 -13.50 2.95
N ARG A 313 -6.12 -13.22 3.82
CA ARG A 313 -4.73 -13.45 3.48
C ARG A 313 -4.12 -14.48 4.41
N LEU A 314 -4.96 -15.15 5.22
CA LEU A 314 -4.49 -16.21 6.09
C LEU A 314 -3.91 -17.38 5.30
N HIS A 315 -4.48 -17.65 4.12
CA HIS A 315 -4.08 -18.79 3.33
C HIS A 315 -2.90 -18.42 2.41
N LEU A 316 -2.53 -17.13 2.38
CA LEU A 316 -1.37 -16.66 1.65
C LEU A 316 -0.12 -16.56 2.54
N ALA A 317 1.04 -16.36 1.92
CA ALA A 317 2.33 -16.48 2.57
C ALA A 317 2.36 -15.76 3.91
N PHE A 318 3.03 -16.37 4.89
CA PHE A 318 3.22 -15.73 6.17
C PHE A 318 4.00 -14.43 5.96
N PHE A 319 5.06 -14.50 5.14
CA PHE A 319 5.85 -13.31 4.84
C PHE A 319 4.98 -12.14 4.41
N HIS A 320 3.98 -12.38 3.58
CA HIS A 320 3.14 -11.23 3.11
C HIS A 320 2.57 -10.49 4.31
N SER A 321 2.02 -11.25 5.25
CA SER A 321 1.44 -10.62 6.42
C SER A 321 2.53 -10.13 7.36
N PHE A 322 3.61 -10.92 7.52
CA PHE A 322 4.66 -10.61 8.46
C PHE A 322 5.32 -9.27 8.18
N LEU A 323 5.64 -9.02 6.90
CA LEU A 323 6.34 -7.81 6.51
C LEU A 323 5.39 -6.63 6.63
N GLY A 324 4.39 -6.55 5.74
CA GLY A 324 3.36 -5.53 5.85
C GLY A 324 2.42 -5.45 4.68
N ARG A 331 2.49 1.40 16.87
CA ARG A 331 2.92 2.75 17.33
C ARG A 331 3.78 3.47 16.29
N ALA A 332 3.80 2.96 15.05
CA ALA A 332 4.58 3.57 13.98
C ALA A 332 3.80 4.70 13.31
N THR A 333 4.52 5.56 12.58
CA THR A 333 3.98 6.82 12.08
C THR A 333 3.68 6.71 10.58
N TYR A 334 2.50 7.19 10.19
CA TYR A 334 2.09 7.12 8.79
C TYR A 334 1.83 8.53 8.26
N TRP A 335 1.93 8.70 6.93
CA TRP A 335 1.88 10.01 6.30
C TRP A 335 0.90 10.01 5.12
N GLU A 336 0.16 11.12 4.97
CA GLU A 336 -0.61 11.37 3.76
C GLU A 336 -0.12 12.68 3.14
N ILE A 337 -0.43 12.88 1.84
CA ILE A 337 0.04 14.00 1.03
C ILE A 337 -1.10 14.99 0.81
N GLU A 338 -0.95 16.22 1.32
CA GLU A 338 -1.94 17.28 1.16
C GLU A 338 -2.29 17.34 -0.32
N GLY A 339 -3.59 17.23 -0.63
CA GLY A 339 -4.08 17.22 -2.01
C GLY A 339 -4.31 15.83 -2.60
N GLY A 340 -4.07 14.79 -1.79
CA GLY A 340 -4.18 13.40 -2.24
C GLY A 340 -2.88 12.81 -2.76
N SER A 341 -2.81 11.47 -2.68
CA SER A 341 -1.67 10.69 -3.16
C SER A 341 -1.30 11.00 -4.60
N ARG A 342 -2.31 11.26 -5.45
CA ARG A 342 -2.10 11.57 -6.86
C ARG A 342 -0.99 12.61 -7.09
N MET A 343 -0.77 13.50 -6.13
CA MET A 343 0.14 14.62 -6.33
C MET A 343 1.52 14.08 -6.66
N LEU A 344 1.91 12.97 -6.02
CA LEU A 344 3.23 12.40 -6.21
C LEU A 344 3.39 11.95 -7.66
N PRO A 345 2.51 11.08 -8.20
CA PRO A 345 2.59 10.72 -9.61
C PRO A 345 2.49 11.90 -10.58
N GLU A 346 1.56 12.82 -10.30
CA GLU A 346 1.20 13.88 -11.24
C GLU A 346 2.32 14.92 -11.32
N THR A 347 2.89 15.23 -10.17
CA THR A 347 4.05 16.11 -10.07
C THR A 347 5.19 15.56 -10.91
N LEU A 348 5.54 14.29 -10.72
CA LEU A 348 6.58 13.64 -11.50
C LEU A 348 6.27 13.72 -13.00
N ALA A 349 4.99 13.62 -13.36
CA ALA A 349 4.60 13.56 -14.76
C ALA A 349 4.88 14.90 -15.45
N LYS A 350 4.83 16.00 -14.69
CA LYS A 350 5.07 17.34 -15.23
C LYS A 350 6.48 17.41 -15.83
N ASP A 351 7.46 16.80 -15.14
CA ASP A 351 8.83 16.75 -15.64
C ASP A 351 8.97 15.83 -16.85
N LEU A 352 7.91 15.09 -17.21
CA LEU A 352 8.05 14.04 -18.21
C LEU A 352 6.95 14.12 -19.29
N ARG A 353 6.30 15.28 -19.42
CA ARG A 353 5.36 15.53 -20.51
C ARG A 353 5.97 15.12 -21.86
N ASP A 354 7.26 15.36 -22.03
CA ASP A 354 7.91 15.10 -23.32
C ASP A 354 8.16 13.60 -23.51
N GLN A 355 8.19 12.80 -22.43
CA GLN A 355 8.57 11.41 -22.55
C GLN A 355 7.35 10.47 -22.47
N ILE A 356 6.24 10.93 -21.88
CA ILE A 356 5.12 10.05 -21.56
C ILE A 356 4.17 9.98 -22.77
N VAL A 357 3.99 8.77 -23.33
CA VAL A 357 2.98 8.49 -24.35
C VAL A 357 1.78 7.79 -23.70
N MET A 358 0.61 8.46 -23.68
CA MET A 358 -0.58 7.95 -23.02
C MET A 358 -1.41 7.12 -24.01
N GLY A 359 -2.28 6.26 -23.50
CA GLY A 359 -3.20 5.52 -24.39
C GLY A 359 -2.55 4.48 -25.26
N GLN A 360 -1.34 4.05 -24.94
CA GLN A 360 -0.67 3.00 -25.72
C GLN A 360 -0.44 1.77 -24.84
N ARG A 361 -0.94 0.61 -25.25
CA ARG A 361 -0.82 -0.63 -24.44
C ARG A 361 0.15 -1.61 -25.10
N MET A 362 1.21 -1.97 -24.38
CA MET A 362 2.13 -2.96 -24.92
C MET A 362 1.37 -4.25 -25.14
N VAL A 363 1.51 -4.81 -26.34
CA VAL A 363 0.95 -6.11 -26.66
C VAL A 363 2.05 -7.10 -27.03
N ARG A 364 3.19 -6.59 -27.52
CA ARG A 364 4.28 -7.45 -27.94
C ARG A 364 5.57 -6.79 -27.46
N LEU A 365 6.60 -7.62 -27.17
CA LEU A 365 7.89 -7.17 -26.72
C LEU A 365 8.97 -8.09 -27.29
N GLU A 366 9.89 -7.52 -28.07
CA GLU A 366 10.88 -8.31 -28.76
C GLU A 366 12.23 -7.72 -28.34
N TYR A 367 13.24 -8.58 -28.21
CA TYR A 367 14.52 -8.15 -27.68
C TYR A 367 15.56 -9.10 -28.23
N TYR A 368 16.82 -8.66 -28.26
CA TYR A 368 17.94 -9.42 -28.81
C TYR A 368 18.94 -9.68 -27.68
N ASP A 369 19.09 -10.94 -27.27
CA ASP A 369 20.02 -11.32 -26.20
C ASP A 369 21.07 -12.25 -26.80
N PRO A 370 22.30 -11.79 -27.11
CA PRO A 370 23.30 -12.62 -27.77
C PRO A 370 23.35 -14.03 -27.18
N GLY A 371 23.60 -14.11 -25.86
CA GLY A 371 23.75 -15.37 -25.16
C GLY A 371 22.86 -15.44 -23.93
N SER A 383 13.56 -10.26 -35.69
CA SER A 383 12.63 -9.74 -36.72
C SER A 383 12.80 -8.23 -36.88
N LEU A 384 12.50 -7.46 -35.82
CA LEU A 384 12.78 -6.03 -35.78
C LEU A 384 14.04 -5.75 -34.97
N THR A 385 14.53 -6.74 -34.23
CA THR A 385 15.73 -6.57 -33.44
C THR A 385 16.85 -7.40 -34.06
N GLY A 386 18.10 -7.14 -33.64
CA GLY A 386 19.20 -8.04 -33.95
C GLY A 386 20.55 -7.42 -33.59
N PRO A 387 21.69 -8.07 -33.93
CA PRO A 387 23.00 -7.48 -33.71
C PRO A 387 23.15 -6.22 -34.56
N GLY A 388 23.54 -5.12 -33.90
CA GLY A 388 23.76 -3.83 -34.56
C GLY A 388 22.47 -3.07 -34.86
N GLY A 389 21.37 -3.77 -35.16
CA GLY A 389 20.04 -3.16 -35.15
C GLY A 389 19.68 -2.73 -33.73
N PRO A 390 18.41 -2.38 -33.43
CA PRO A 390 18.00 -2.09 -32.05
C PRO A 390 17.90 -3.39 -31.25
N ALA A 391 18.06 -3.29 -29.93
CA ALA A 391 18.12 -4.46 -29.05
C ALA A 391 16.76 -4.74 -28.40
N VAL A 392 15.84 -3.76 -28.47
CA VAL A 392 14.50 -3.87 -27.91
C VAL A 392 13.48 -3.28 -28.88
N ALA A 393 12.33 -3.95 -29.05
CA ALA A 393 11.24 -3.43 -29.85
C ALA A 393 9.92 -3.78 -29.18
N ILE A 394 9.12 -2.74 -28.94
CA ILE A 394 7.83 -2.89 -28.29
C ILE A 394 6.75 -2.48 -29.27
N GLN A 395 5.61 -3.18 -29.26
CA GLN A 395 4.48 -2.77 -30.08
C GLN A 395 3.27 -2.54 -29.19
N THR A 396 2.67 -1.35 -29.35
CA THR A 396 1.51 -0.95 -28.59
C THR A 396 0.30 -0.82 -29.51
N VAL A 397 -0.86 -0.83 -28.88
CA VAL A 397 -2.13 -0.63 -29.62
C VAL A 397 -2.84 0.51 -28.90
N PRO A 398 -3.66 1.33 -29.59
CA PRO A 398 -4.34 2.44 -28.96
C PRO A 398 -5.38 2.05 -27.90
N GLU A 399 -5.24 2.58 -26.69
CA GLU A 399 -6.24 2.35 -25.60
C GLU A 399 -6.29 0.85 -25.20
N GLY A 400 -7.41 0.17 -25.45
CA GLY A 400 -7.54 -1.26 -25.12
C GLY A 400 -8.71 -1.92 -25.82
N ALA A 410 -4.56 0.95 -35.32
CA ALA A 410 -3.21 1.52 -35.19
C ALA A 410 -2.30 0.56 -34.42
N THR A 411 -1.01 0.57 -34.70
CA THR A 411 -0.12 -0.37 -34.03
C THR A 411 1.29 0.16 -34.10
N GLN A 412 1.64 1.02 -33.13
CA GLN A 412 2.95 1.66 -33.12
C GLN A 412 4.03 0.63 -32.79
N THR A 413 5.22 0.86 -33.37
CA THR A 413 6.41 0.11 -33.03
C THR A 413 7.43 1.06 -32.40
N TRP A 414 7.99 0.63 -31.27
CA TRP A 414 8.94 1.43 -30.52
C TRP A 414 10.19 0.61 -30.31
N THR A 415 11.36 1.24 -30.54
CA THR A 415 12.65 0.57 -30.45
C THR A 415 13.58 1.31 -29.49
N GLY A 416 14.73 0.72 -29.22
CA GLY A 416 15.64 1.26 -28.23
C GLY A 416 16.73 0.26 -27.85
N ASP A 417 17.52 0.63 -26.84
CA ASP A 417 18.71 -0.11 -26.46
C ASP A 417 18.45 -0.96 -25.21
N LEU A 418 17.59 -0.45 -24.33
CA LEU A 418 17.28 -1.08 -23.05
C LEU A 418 15.83 -0.77 -22.70
N ALA A 419 15.24 -1.61 -21.83
CA ALA A 419 13.85 -1.48 -21.44
C ALA A 419 13.69 -1.70 -19.94
N ILE A 420 12.69 -1.01 -19.37
CA ILE A 420 12.18 -1.32 -18.05
C ILE A 420 10.69 -1.60 -18.15
N VAL A 421 10.29 -2.79 -17.64
CA VAL A 421 8.91 -3.19 -17.58
C VAL A 421 8.46 -3.08 -16.12
N THR A 422 7.46 -2.22 -15.88
CA THR A 422 7.00 -1.89 -14.53
C THR A 422 5.52 -2.21 -14.37
N ILE A 423 4.93 -2.79 -15.44
CA ILE A 423 3.53 -3.18 -15.44
C ILE A 423 3.40 -4.40 -14.53
N PRO A 424 2.23 -4.58 -13.87
CA PRO A 424 2.02 -5.74 -13.01
C PRO A 424 2.07 -7.02 -13.84
N PHE A 425 2.31 -8.16 -13.18
CA PHE A 425 2.50 -9.41 -13.90
C PHE A 425 1.17 -9.94 -14.46
N SER A 426 0.07 -9.52 -13.84
CA SER A 426 -1.27 -9.82 -14.29
C SER A 426 -1.43 -9.37 -15.74
N SER A 427 -0.93 -8.15 -16.01
CA SER A 427 -1.02 -7.55 -17.31
C SER A 427 0.10 -8.08 -18.21
N LEU A 428 1.28 -8.37 -17.62
CA LEU A 428 2.39 -8.92 -18.41
C LEU A 428 2.05 -10.28 -18.99
N ARG A 429 1.16 -10.99 -18.31
CA ARG A 429 0.76 -12.34 -18.68
C ARG A 429 0.30 -12.36 -20.14
N PHE A 430 -0.35 -11.29 -20.61
CA PHE A 430 -0.99 -11.34 -21.91
C PHE A 430 -0.19 -10.51 -22.91
N VAL A 431 1.12 -10.41 -22.69
CA VAL A 431 2.03 -9.76 -23.63
C VAL A 431 2.84 -10.87 -24.30
N LYS A 432 2.95 -10.75 -25.64
CA LYS A 432 3.73 -11.69 -26.43
C LYS A 432 5.20 -11.26 -26.33
N VAL A 433 6.06 -12.16 -25.85
CA VAL A 433 7.45 -11.86 -25.60
C VAL A 433 8.31 -12.76 -26.49
N THR A 434 9.09 -12.19 -27.42
CA THR A 434 9.56 -12.96 -28.58
C THR A 434 10.56 -14.01 -28.12
N PRO A 435 11.83 -13.73 -27.71
CA PRO A 435 12.59 -14.78 -27.05
C PRO A 435 11.95 -14.86 -25.66
N PRO A 436 11.48 -16.05 -25.22
CA PRO A 436 10.90 -16.19 -23.88
C PRO A 436 11.86 -15.67 -22.83
N PHE A 437 11.33 -15.20 -21.71
CA PHE A 437 12.17 -14.96 -20.55
C PHE A 437 12.65 -16.32 -20.01
N SER A 438 13.65 -16.30 -19.13
CA SER A 438 14.02 -17.45 -18.33
C SER A 438 12.76 -18.17 -17.79
N TYR A 439 12.86 -19.50 -17.78
CA TYR A 439 11.87 -20.40 -17.25
C TYR A 439 11.26 -19.86 -15.95
N LYS A 440 12.06 -19.60 -14.92
CA LYS A 440 11.50 -19.21 -13.63
C LYS A 440 10.87 -17.80 -13.65
N LYS A 441 11.29 -16.94 -14.56
CA LYS A 441 10.63 -15.65 -14.70
C LYS A 441 9.21 -15.84 -15.27
N ARG A 442 9.12 -16.62 -16.36
CA ARG A 442 7.85 -17.03 -16.95
C ARG A 442 6.94 -17.69 -15.90
N ARG A 443 7.48 -18.60 -15.08
CA ARG A 443 6.72 -19.20 -13.99
C ARG A 443 6.22 -18.12 -13.04
N ALA A 444 7.04 -17.07 -12.81
CA ALA A 444 6.67 -16.04 -11.86
C ALA A 444 5.50 -15.21 -12.37
N VAL A 445 5.48 -14.96 -13.69
CA VAL A 445 4.43 -14.20 -14.37
C VAL A 445 3.13 -15.01 -14.34
N ILE A 446 3.26 -16.32 -14.53
CA ILE A 446 2.12 -17.22 -14.45
C ILE A 446 1.59 -17.33 -13.02
N GLU A 447 2.46 -17.51 -12.02
CA GLU A 447 2.04 -18.07 -10.74
C GLU A 447 1.81 -17.00 -9.66
N THR A 448 2.17 -15.75 -9.92
CA THR A 448 2.08 -14.72 -8.90
C THR A 448 0.64 -14.22 -8.86
N HIS A 449 0.00 -14.37 -7.72
CA HIS A 449 -1.43 -13.98 -7.61
C HIS A 449 -1.57 -12.52 -7.23
N TYR A 450 -2.63 -11.90 -7.72
CA TYR A 450 -2.94 -10.52 -7.36
C TYR A 450 -4.26 -10.52 -6.61
N ASP A 451 -4.36 -9.78 -5.49
CA ASP A 451 -5.56 -9.90 -4.67
C ASP A 451 -6.59 -8.89 -5.17
N GLN A 452 -7.86 -9.31 -5.21
CA GLN A 452 -8.93 -8.37 -5.51
C GLN A 452 -9.07 -7.45 -4.32
N ALA A 453 -9.45 -6.20 -4.60
CA ALA A 453 -9.69 -5.19 -3.56
C ALA A 453 -10.72 -4.22 -4.11
N THR A 454 -11.74 -3.88 -3.31
CA THR A 454 -12.66 -2.82 -3.70
C THR A 454 -12.82 -1.76 -2.60
N LYS A 455 -12.79 -0.49 -3.01
CA LYS A 455 -13.08 0.61 -2.08
C LYS A 455 -14.42 1.27 -2.42
N VAL A 456 -15.15 1.68 -1.38
CA VAL A 456 -16.44 2.33 -1.57
C VAL A 456 -16.50 3.57 -0.68
N LEU A 457 -16.70 4.71 -1.31
CA LEU A 457 -16.55 6.00 -0.65
C LEU A 457 -17.90 6.73 -0.65
N LEU A 458 -18.26 7.31 0.50
CA LEU A 458 -19.56 7.93 0.68
C LEU A 458 -19.32 9.34 1.22
N GLU A 459 -19.83 10.33 0.52
CA GLU A 459 -19.65 11.72 0.92
C GLU A 459 -20.67 12.03 1.99
N PHE A 460 -20.27 12.75 3.03
CA PHE A 460 -21.23 13.26 3.97
C PHE A 460 -21.13 14.77 4.07
N SER A 461 -22.29 15.39 4.32
CA SER A 461 -22.48 16.83 4.40
C SER A 461 -21.91 17.33 5.73
N ARG A 462 -21.88 16.44 6.72
CA ARG A 462 -21.17 16.69 7.96
C ARG A 462 -20.28 15.50 8.32
N ARG A 463 -19.32 15.79 9.20
CA ARG A 463 -18.37 14.83 9.73
C ARG A 463 -18.91 14.25 11.04
N TRP A 464 -20.07 13.57 10.91
CA TRP A 464 -20.79 12.97 12.04
C TRP A 464 -19.91 12.12 12.95
N TRP A 465 -18.77 11.60 12.43
CA TRP A 465 -17.92 10.70 13.20
C TRP A 465 -17.27 11.44 14.37
N GLU A 466 -17.11 12.74 14.21
CA GLU A 466 -16.50 13.56 15.24
C GLU A 466 -17.44 13.76 16.42
N PHE A 467 -18.77 13.71 16.17
CA PHE A 467 -19.77 14.28 17.06
C PHE A 467 -19.83 13.59 18.42
N THR A 468 -19.97 14.41 19.47
CA THR A 468 -20.50 13.94 20.74
C THR A 468 -22.01 13.80 20.61
N GLU A 469 -22.64 13.31 21.69
CA GLU A 469 -24.07 13.02 21.66
C GLU A 469 -24.76 14.36 21.52
N ALA A 470 -24.30 15.31 22.34
CA ALA A 470 -24.76 16.69 22.29
C ALA A 470 -24.68 17.21 20.87
N ASP A 471 -23.55 16.99 20.20
CA ASP A 471 -23.39 17.43 18.84
C ASP A 471 -24.54 16.88 17.98
N TRP A 472 -24.97 15.62 18.23
CA TRP A 472 -25.99 14.96 17.43
C TRP A 472 -27.35 15.63 17.65
N LYS A 473 -27.65 15.97 18.90
CA LYS A 473 -28.86 16.71 19.23
C LYS A 473 -28.89 18.01 18.43
N ARG A 474 -27.81 18.79 18.54
CA ARG A 474 -27.72 20.06 17.85
C ARG A 474 -27.92 19.82 16.36
N GLU A 475 -27.16 18.87 15.79
CA GLU A 475 -26.99 18.79 14.35
C GLU A 475 -28.24 18.20 13.68
N LEU A 476 -29.02 17.37 14.40
CA LEU A 476 -30.26 16.81 13.85
C LEU A 476 -31.44 17.76 14.04
N ASP A 477 -31.55 18.38 15.23
CA ASP A 477 -32.60 19.34 15.51
C ASP A 477 -32.52 20.48 14.50
N ALA A 478 -31.30 20.77 14.03
CA ALA A 478 -31.04 21.77 13.01
C ALA A 478 -31.70 21.48 11.66
N ILE A 479 -31.90 20.19 11.35
CA ILE A 479 -32.53 19.79 10.10
C ILE A 479 -34.05 19.95 10.25
N ALA A 480 -34.59 19.53 11.39
CA ALA A 480 -36.00 19.73 11.68
C ALA A 480 -36.21 19.54 13.19
N PRO A 481 -37.04 20.36 13.85
CA PRO A 481 -37.32 20.09 15.27
C PRO A 481 -37.72 18.64 15.46
N GLY A 482 -37.32 18.05 16.60
CA GLY A 482 -37.73 16.72 16.98
C GLY A 482 -36.91 15.59 16.33
N LEU A 483 -36.03 15.91 15.36
CA LEU A 483 -35.40 14.85 14.57
C LEU A 483 -34.50 13.97 15.43
N TYR A 484 -33.76 14.59 16.37
CA TYR A 484 -33.07 13.83 17.39
C TYR A 484 -34.05 12.85 18.04
N ASP A 485 -35.12 13.36 18.68
CA ASP A 485 -36.06 12.53 19.44
C ASP A 485 -36.62 11.42 18.55
N TYR A 486 -36.80 11.72 17.28
CA TYR A 486 -37.31 10.77 16.31
C TYR A 486 -36.39 9.55 16.23
N TYR A 487 -35.14 9.75 15.79
CA TYR A 487 -34.18 8.66 15.65
C TYR A 487 -33.94 7.95 16.96
N GLN A 488 -34.23 8.63 18.07
CA GLN A 488 -34.01 8.06 19.38
C GLN A 488 -35.09 7.00 19.64
N GLN A 489 -36.35 7.32 19.34
CA GLN A 489 -37.44 6.36 19.43
C GLN A 489 -37.22 5.23 18.41
N TRP A 490 -37.30 5.58 17.12
CA TRP A 490 -37.20 4.62 16.03
C TRP A 490 -36.09 3.61 16.30
N GLY A 491 -34.94 4.10 16.76
CA GLY A 491 -33.82 3.24 17.11
C GLY A 491 -33.18 2.62 15.87
N GLU A 492 -32.78 1.35 16.01
CA GLU A 492 -31.97 0.67 15.02
C GLU A 492 -32.63 -0.65 14.60
N ASP A 493 -32.05 -1.31 13.59
CA ASP A 493 -32.23 -2.75 13.43
C ASP A 493 -31.56 -3.44 14.61
N ASP A 494 -32.38 -4.00 15.51
CA ASP A 494 -31.92 -4.58 16.77
C ASP A 494 -30.55 -4.00 17.14
N ARG A 502 -27.44 3.58 18.53
CA ARG A 502 -25.96 3.44 18.65
C ARG A 502 -25.35 4.69 19.29
N PRO A 503 -24.43 4.54 20.26
CA PRO A 503 -23.77 5.68 20.89
C PRO A 503 -22.97 6.46 19.85
N ALA A 504 -22.56 7.68 20.21
CA ALA A 504 -21.84 8.51 19.27
C ALA A 504 -20.43 7.94 19.15
N THR A 505 -19.86 8.11 17.97
CA THR A 505 -18.51 7.66 17.72
C THR A 505 -17.53 8.63 18.38
N ASN A 506 -17.64 9.93 18.06
CA ASN A 506 -16.82 10.96 18.66
C ASN A 506 -15.34 10.58 18.50
N ALA A 507 -14.92 10.43 17.23
CA ALA A 507 -13.57 10.02 16.89
C ALA A 507 -13.00 10.89 15.77
N TYR A 508 -11.65 10.89 15.74
CA TYR A 508 -10.88 11.74 14.86
C TYR A 508 -9.83 10.88 14.18
N GLY A 509 -10.06 10.60 12.88
CA GLY A 509 -9.20 9.71 12.13
C GLY A 509 -9.39 8.24 12.53
N GLY A 510 -8.42 7.42 12.14
CA GLY A 510 -8.49 5.98 12.39
C GLY A 510 -9.61 5.37 11.56
N GLY A 511 -10.13 4.24 12.05
CA GLY A 511 -11.18 3.48 11.40
C GLY A 511 -11.87 2.52 12.36
N SER A 512 -13.01 1.96 11.91
CA SER A 512 -13.69 0.93 12.68
C SER A 512 -13.55 -0.38 11.90
N THR A 513 -13.57 -1.50 12.65
CA THR A 513 -13.43 -2.84 12.09
C THR A 513 -14.68 -3.67 12.38
N THR A 514 -15.16 -4.41 11.36
CA THR A 514 -16.35 -5.24 11.52
C THR A 514 -16.26 -6.55 10.73
N ASP A 515 -17.20 -7.44 11.04
CA ASP A 515 -17.31 -8.74 10.35
C ASP A 515 -18.26 -8.58 9.15
N ASN A 516 -19.02 -7.48 9.10
CA ASN A 516 -19.96 -7.33 8.02
C ASN A 516 -19.12 -6.99 6.78
N PRO A 517 -19.71 -7.11 5.57
CA PRO A 517 -18.97 -6.96 4.32
C PRO A 517 -18.16 -5.70 4.13
N ASN A 518 -18.57 -4.57 4.71
CA ASN A 518 -17.75 -3.37 4.65
C ASN A 518 -16.34 -3.68 5.17
N ARG A 519 -16.27 -4.47 6.25
CA ARG A 519 -15.06 -4.95 6.92
C ARG A 519 -14.30 -3.81 7.62
N PHE A 520 -13.87 -2.80 6.86
CA PHE A 520 -13.01 -1.74 7.37
C PHE A 520 -13.49 -0.39 6.87
N MET A 521 -13.71 0.52 7.82
CA MET A 521 -14.27 1.83 7.55
C MET A 521 -13.29 2.85 8.08
N TYR A 522 -12.81 3.75 7.22
CA TYR A 522 -11.80 4.72 7.58
C TYR A 522 -12.37 6.15 7.50
N TYR A 523 -12.10 6.93 8.54
CA TYR A 523 -12.51 8.34 8.62
C TYR A 523 -11.32 9.18 8.17
N PRO A 524 -11.51 10.28 7.41
CA PRO A 524 -10.38 11.07 6.98
C PRO A 524 -9.66 11.64 8.21
N SER A 525 -8.34 11.73 8.09
CA SER A 525 -7.49 12.18 9.21
C SER A 525 -7.55 13.69 9.34
N HIS A 526 -7.77 14.37 8.22
CA HIS A 526 -7.72 15.84 8.25
C HIS A 526 -8.85 16.41 7.41
N PRO A 527 -9.55 17.44 7.92
CA PRO A 527 -10.63 18.05 7.17
C PRO A 527 -10.12 18.83 5.97
N VAL A 528 -10.88 18.86 4.87
CA VAL A 528 -10.45 19.65 3.73
C VAL A 528 -10.78 21.12 4.03
N PRO A 529 -9.76 22.03 4.05
CA PRO A 529 -9.98 23.41 4.51
C PRO A 529 -11.22 24.10 3.95
N GLY A 530 -12.14 24.48 4.84
CA GLY A 530 -13.25 25.35 4.48
C GLY A 530 -14.56 24.60 4.24
N THR A 531 -14.50 23.26 4.24
CA THR A 531 -15.63 22.41 3.95
C THR A 531 -16.26 21.98 5.28
N GLN A 532 -17.59 21.71 5.30
CA GLN A 532 -18.25 21.22 6.50
C GLN A 532 -18.33 19.68 6.56
N GLY A 533 -18.09 19.02 5.44
CA GLY A 533 -18.27 17.58 5.38
C GLY A 533 -16.95 16.82 5.18
N GLY A 534 -17.08 15.63 4.61
CA GLY A 534 -16.00 14.67 4.53
C GLY A 534 -16.44 13.41 3.80
N VAL A 535 -15.45 12.67 3.28
CA VAL A 535 -15.69 11.42 2.59
C VAL A 535 -15.19 10.30 3.49
N VAL A 536 -16.06 9.31 3.72
CA VAL A 536 -15.66 8.13 4.45
C VAL A 536 -15.37 7.06 3.41
N LEU A 537 -14.29 6.30 3.67
CA LEU A 537 -14.13 4.97 3.12
C LEU A 537 -15.07 4.00 3.89
N ALA A 538 -16.26 3.79 3.32
CA ALA A 538 -17.33 3.05 3.98
C ALA A 538 -17.06 1.55 3.89
N ALA A 539 -16.60 1.12 2.73
CA ALA A 539 -16.28 -0.29 2.57
C ALA A 539 -14.90 -0.46 1.93
N TYR A 540 -14.10 -1.37 2.49
CA TYR A 540 -12.81 -1.76 1.93
C TYR A 540 -12.62 -3.24 2.18
N SER A 541 -12.68 -4.04 1.12
CA SER A 541 -12.81 -5.48 1.24
C SER A 541 -12.04 -6.17 0.13
N TRP A 542 -11.70 -7.43 0.39
CA TRP A 542 -10.84 -8.24 -0.47
C TRP A 542 -11.60 -9.50 -0.90
N SER A 543 -10.97 -10.28 -1.79
CA SER A 543 -11.42 -11.63 -2.14
C SER A 543 -12.91 -11.67 -2.49
N ASP A 544 -13.67 -12.60 -1.88
CA ASP A 544 -15.03 -12.88 -2.32
C ASP A 544 -15.92 -11.67 -2.13
N ASP A 545 -15.79 -11.01 -0.98
CA ASP A 545 -16.55 -9.80 -0.67
C ASP A 545 -16.43 -8.80 -1.82
N ALA A 546 -15.20 -8.46 -2.20
CA ALA A 546 -14.95 -7.51 -3.28
C ALA A 546 -15.76 -7.87 -4.53
N ALA A 547 -15.78 -9.16 -4.85
CA ALA A 547 -16.34 -9.61 -6.12
C ALA A 547 -17.86 -9.43 -6.11
N ARG A 548 -18.46 -9.50 -4.92
CA ARG A 548 -19.90 -9.34 -4.72
C ARG A 548 -20.24 -7.84 -4.70
N TRP A 549 -19.46 -7.05 -3.96
CA TRP A 549 -19.52 -5.60 -4.07
C TRP A 549 -19.55 -5.21 -5.55
N ASP A 550 -18.62 -5.76 -6.33
CA ASP A 550 -18.42 -5.31 -7.70
C ASP A 550 -19.68 -5.53 -8.54
N SER A 551 -20.38 -6.64 -8.31
CA SER A 551 -21.41 -7.08 -9.24
C SER A 551 -22.77 -6.45 -8.93
N PHE A 552 -22.78 -5.58 -7.94
CA PHE A 552 -24.00 -4.86 -7.57
C PHE A 552 -24.09 -3.61 -8.43
N ASP A 553 -25.25 -2.96 -8.43
CA ASP A 553 -25.37 -1.67 -9.15
C ASP A 553 -24.87 -0.57 -8.22
N ASP A 554 -24.45 0.54 -8.79
CA ASP A 554 -23.96 1.69 -7.99
C ASP A 554 -24.93 1.92 -6.84
N ALA A 555 -26.21 2.05 -7.13
CA ALA A 555 -27.22 2.36 -6.10
C ALA A 555 -27.24 1.27 -5.02
N GLU A 556 -27.30 0.01 -5.43
CA GLU A 556 -27.33 -1.11 -4.48
C GLU A 556 -26.03 -1.13 -3.67
N ARG A 557 -24.91 -0.88 -4.33
CA ARG A 557 -23.60 -0.95 -3.63
C ARG A 557 -23.55 0.16 -2.58
N TYR A 558 -24.03 1.34 -2.93
CA TYR A 558 -24.00 2.50 -2.00
C TYR A 558 -25.07 2.28 -0.94
N GLY A 559 -26.18 1.66 -1.30
CA GLY A 559 -27.19 1.30 -0.32
C GLY A 559 -26.67 0.32 0.74
N TYR A 560 -25.96 -0.73 0.29
CA TYR A 560 -25.48 -1.75 1.21
C TYR A 560 -24.38 -1.15 2.07
N ALA A 561 -23.50 -0.36 1.45
CA ALA A 561 -22.41 0.26 2.19
C ALA A 561 -22.95 1.16 3.30
N LEU A 562 -24.05 1.88 3.01
CA LEU A 562 -24.64 2.76 4.02
C LEU A 562 -25.35 1.93 5.10
N GLU A 563 -26.15 0.91 4.71
CA GLU A 563 -26.79 0.08 5.72
C GLU A 563 -25.70 -0.42 6.68
N ASN A 564 -24.56 -0.84 6.13
CA ASN A 564 -23.50 -1.42 6.95
C ASN A 564 -22.87 -0.37 7.88
N LEU A 565 -22.56 0.80 7.33
CA LEU A 565 -22.10 1.93 8.12
C LEU A 565 -23.08 2.22 9.25
N GLN A 566 -24.41 2.25 8.92
CA GLN A 566 -25.48 2.46 9.89
C GLN A 566 -25.53 1.39 10.98
N SER A 567 -25.29 0.12 10.63
CA SER A 567 -25.23 -0.94 11.62
C SER A 567 -24.19 -0.63 12.70
N VAL A 568 -23.07 0.00 12.32
CA VAL A 568 -22.05 0.33 13.30
C VAL A 568 -22.35 1.67 13.96
N HIS A 569 -22.74 2.68 13.19
CA HIS A 569 -22.62 4.04 13.67
C HIS A 569 -23.96 4.61 14.14
N GLY A 570 -25.08 3.99 13.75
CA GLY A 570 -26.40 4.57 13.93
C GLY A 570 -27.12 4.73 12.59
N ARG A 571 -28.42 4.44 12.63
CA ARG A 571 -29.34 4.79 11.55
C ARG A 571 -29.21 6.28 11.19
N ARG A 572 -29.19 7.15 12.20
CA ARG A 572 -29.32 8.59 12.06
C ARG A 572 -28.23 9.22 11.16
N ILE A 573 -27.10 8.54 10.91
CA ILE A 573 -26.13 9.04 9.94
C ILE A 573 -26.77 9.21 8.55
N GLU A 574 -27.93 8.59 8.31
CA GLU A 574 -28.52 8.64 6.97
C GLU A 574 -28.70 10.09 6.52
N VAL A 575 -29.04 11.00 7.48
CA VAL A 575 -29.46 12.35 7.15
C VAL A 575 -28.34 13.15 6.45
N PHE A 576 -27.08 12.84 6.78
CA PHE A 576 -25.95 13.62 6.30
C PHE A 576 -25.37 13.03 5.03
N TYR A 577 -25.97 11.95 4.49
CA TYR A 577 -25.45 11.38 3.26
C TYR A 577 -25.86 12.27 2.09
N THR A 578 -24.93 12.56 1.18
CA THR A 578 -25.20 13.48 0.08
C THR A 578 -25.66 12.77 -1.18
N GLY A 579 -25.76 11.43 -1.14
CA GLY A 579 -26.06 10.68 -2.35
C GLY A 579 -24.89 10.64 -3.32
N ALA A 580 -23.69 11.11 -2.92
CA ALA A 580 -22.50 10.98 -3.74
C ALA A 580 -21.61 9.84 -3.23
N GLY A 581 -21.28 8.91 -4.12
CA GLY A 581 -20.42 7.80 -3.80
C GLY A 581 -19.54 7.43 -4.98
N GLN A 582 -18.33 6.96 -4.69
CA GLN A 582 -17.44 6.46 -5.74
C GLN A 582 -16.99 5.06 -5.37
N THR A 583 -16.75 4.24 -6.39
CA THR A 583 -16.28 2.89 -6.16
C THR A 583 -14.99 2.68 -6.91
N GLN A 584 -14.07 1.91 -6.33
CA GLN A 584 -12.93 1.41 -7.11
C GLN A 584 -12.87 -0.11 -6.99
N SER A 585 -12.85 -0.80 -8.14
CA SER A 585 -12.78 -2.25 -8.18
C SER A 585 -11.48 -2.69 -8.85
N TRP A 586 -10.43 -2.89 -8.08
CA TRP A 586 -9.11 -3.09 -8.66
C TRP A 586 -9.03 -4.36 -9.51
N LEU A 587 -9.97 -5.28 -9.34
CA LEU A 587 -10.01 -6.48 -10.15
C LEU A 587 -10.45 -6.15 -11.58
N ARG A 588 -11.27 -5.10 -11.73
CA ARG A 588 -11.88 -4.85 -13.03
C ARG A 588 -11.02 -3.86 -13.81
N ASP A 589 -10.13 -3.17 -13.08
CA ASP A 589 -9.05 -2.43 -13.69
C ASP A 589 -8.26 -3.35 -14.62
N PRO A 590 -8.36 -3.10 -15.95
CA PRO A 590 -7.64 -3.89 -16.95
C PRO A 590 -6.12 -3.81 -16.77
N TYR A 591 -5.64 -2.68 -16.24
CA TYR A 591 -4.18 -2.45 -16.19
C TYR A 591 -3.61 -2.88 -14.85
N ALA A 592 -4.46 -3.26 -13.90
CA ALA A 592 -3.98 -3.81 -12.63
C ALA A 592 -4.42 -5.27 -12.43
N CYS A 593 -5.74 -5.50 -12.45
CA CYS A 593 -6.38 -6.78 -12.12
C CYS A 593 -6.16 -7.16 -10.66
N GLY A 594 -5.81 -6.17 -9.84
CA GLY A 594 -5.82 -6.39 -8.41
C GLY A 594 -5.12 -5.25 -7.67
N GLU A 595 -5.08 -5.38 -6.35
CA GLU A 595 -4.33 -4.45 -5.52
C GLU A 595 -2.83 -4.70 -5.64
N ALA A 596 -2.41 -5.96 -5.40
CA ALA A 596 -1.00 -6.23 -5.10
C ALA A 596 -0.63 -7.66 -5.49
N ALA A 597 0.66 -7.81 -5.76
CA ALA A 597 1.19 -9.16 -5.94
C ALA A 597 1.27 -9.76 -4.52
N VAL A 598 0.57 -10.85 -4.30
CA VAL A 598 0.58 -11.53 -2.98
C VAL A 598 1.06 -12.95 -3.25
N TYR A 599 2.15 -13.34 -2.60
CA TYR A 599 2.72 -14.67 -2.85
C TYR A 599 2.07 -15.74 -1.98
N THR A 600 2.04 -16.98 -2.44
CA THR A 600 1.61 -18.11 -1.63
C THR A 600 2.85 -18.73 -1.02
N PRO A 601 2.74 -19.59 0.01
CA PRO A 601 3.92 -20.15 0.66
C PRO A 601 4.94 -20.74 -0.31
N HIS A 602 6.24 -20.56 -0.02
CA HIS A 602 7.36 -21.07 -0.81
C HIS A 602 7.53 -20.36 -2.17
N GLN A 603 6.57 -19.57 -2.66
CA GLN A 603 6.77 -18.92 -3.94
C GLN A 603 8.00 -18.00 -3.88
N MET A 604 8.14 -17.28 -2.77
CA MET A 604 9.27 -16.36 -2.65
C MET A 604 10.57 -17.14 -2.85
N THR A 605 10.69 -18.25 -2.11
CA THR A 605 11.86 -19.11 -2.10
C THR A 605 12.13 -19.64 -3.50
N ALA A 606 11.08 -20.07 -4.19
CA ALA A 606 11.26 -20.76 -5.49
C ALA A 606 11.52 -19.86 -6.69
N PHE A 607 11.04 -18.63 -6.71
CA PHE A 607 11.22 -17.84 -7.96
C PHE A 607 11.45 -16.34 -7.76
N HIS A 608 11.54 -15.86 -6.53
CA HIS A 608 11.68 -14.39 -6.40
C HIS A 608 13.06 -13.95 -6.85
N LEU A 609 14.08 -14.78 -6.65
CA LEU A 609 15.39 -14.38 -7.15
C LEU A 609 15.40 -14.27 -8.68
N ASP A 610 14.47 -14.96 -9.33
CA ASP A 610 14.35 -14.89 -10.77
C ASP A 610 13.44 -13.71 -11.15
N VAL A 611 12.47 -13.34 -10.29
CA VAL A 611 11.70 -12.14 -10.57
C VAL A 611 12.61 -10.93 -10.85
N VAL A 612 13.61 -10.68 -10.01
CA VAL A 612 14.37 -9.43 -10.09
C VAL A 612 15.40 -9.41 -11.21
N ARG A 613 15.87 -10.58 -11.70
CA ARG A 613 16.94 -10.64 -12.69
C ARG A 613 16.53 -9.94 -13.98
N PRO A 614 17.47 -9.23 -14.63
CA PRO A 614 17.28 -8.79 -16.02
C PRO A 614 17.15 -9.95 -16.99
N GLU A 615 16.60 -9.67 -18.17
CA GLU A 615 16.38 -10.63 -19.24
C GLU A 615 16.94 -10.01 -20.51
N GLY A 616 18.19 -10.37 -20.80
CA GLY A 616 19.01 -9.61 -21.73
C GLY A 616 18.88 -8.12 -21.44
N PRO A 617 18.44 -7.31 -22.42
CA PRO A 617 18.33 -5.87 -22.23
C PRO A 617 17.02 -5.40 -21.59
N VAL A 618 16.30 -6.33 -20.94
CA VAL A 618 15.02 -6.00 -20.33
C VAL A 618 15.12 -6.07 -18.81
N TYR A 619 14.82 -4.94 -18.16
CA TYR A 619 14.91 -4.84 -16.71
C TYR A 619 13.48 -4.72 -16.20
N PHE A 620 13.31 -4.93 -14.88
CA PHE A 620 12.00 -4.98 -14.25
C PHE A 620 12.03 -4.21 -12.93
N ALA A 621 10.92 -3.52 -12.66
CA ALA A 621 10.71 -2.74 -11.46
C ALA A 621 9.22 -2.77 -11.17
N GLY A 622 8.83 -2.26 -10.01
CA GLY A 622 7.44 -2.24 -9.61
C GLY A 622 7.25 -3.01 -8.31
N GLU A 623 6.09 -2.80 -7.71
CA GLU A 623 5.75 -3.25 -6.37
C GLU A 623 6.12 -4.73 -6.22
N HIS A 624 5.81 -5.52 -7.24
CA HIS A 624 5.99 -6.95 -7.26
C HIS A 624 7.46 -7.35 -7.35
N VAL A 625 8.32 -6.45 -7.82
CA VAL A 625 9.69 -6.82 -8.07
C VAL A 625 10.42 -6.84 -6.75
N SER A 626 9.84 -6.19 -5.74
CA SER A 626 10.47 -6.07 -4.43
C SER A 626 9.87 -7.11 -3.48
N LEU A 627 10.38 -7.12 -2.26
CA LEU A 627 9.83 -8.05 -1.23
C LEU A 627 9.01 -7.19 -0.28
N LYS A 628 8.59 -6.03 -0.75
CA LYS A 628 7.66 -5.20 0.03
C LYS A 628 6.36 -5.21 -0.77
N HIS A 629 5.72 -6.35 -0.92
CA HIS A 629 4.49 -6.41 -1.74
C HIS A 629 3.39 -5.58 -1.06
N ALA A 630 2.63 -4.81 -1.83
CA ALA A 630 1.47 -4.04 -1.30
C ALA A 630 1.86 -2.62 -0.85
N TRP A 631 3.09 -2.21 -1.13
CA TRP A 631 3.57 -0.88 -0.69
C TRP A 631 4.08 -0.10 -1.90
N ILE A 632 4.34 1.19 -1.73
CA ILE A 632 4.87 2.04 -2.82
C ILE A 632 6.40 2.04 -2.74
N GLU A 633 6.94 2.00 -1.53
CA GLU A 633 8.39 2.04 -1.36
C GLU A 633 9.05 1.03 -2.28
N GLY A 634 8.44 -0.16 -2.36
CA GLY A 634 9.02 -1.28 -3.08
C GLY A 634 9.13 -0.95 -4.56
N ALA A 635 8.07 -0.32 -5.09
CA ALA A 635 8.07 0.08 -6.49
C ALA A 635 9.15 1.15 -6.69
N VAL A 636 9.36 2.00 -5.67
CA VAL A 636 10.30 3.10 -5.79
C VAL A 636 11.72 2.57 -5.62
N GLU A 637 11.91 1.74 -4.62
CA GLU A 637 13.24 1.14 -4.43
C GLU A 637 13.63 0.44 -5.73
N THR A 638 12.70 -0.28 -6.34
CA THR A 638 13.07 -1.07 -7.52
C THR A 638 13.20 -0.24 -8.80
N ALA A 639 12.49 0.90 -8.87
CA ALA A 639 12.66 1.81 -10.00
C ALA A 639 14.10 2.32 -10.03
N VAL A 640 14.59 2.75 -8.86
CA VAL A 640 15.92 3.28 -8.69
C VAL A 640 16.94 2.21 -9.09
N ARG A 641 16.79 1.03 -8.48
CA ARG A 641 17.61 -0.13 -8.72
C ARG A 641 17.68 -0.41 -10.23
N ALA A 642 16.52 -0.40 -10.87
CA ALA A 642 16.46 -0.64 -12.29
C ALA A 642 17.27 0.44 -13.01
N ALA A 643 17.00 1.70 -12.64
CA ALA A 643 17.58 2.87 -13.29
C ALA A 643 19.11 2.86 -13.16
N ILE A 644 19.60 2.57 -11.97
CA ILE A 644 21.03 2.36 -11.78
C ILE A 644 21.55 1.33 -12.79
N ALA A 645 20.80 0.27 -13.03
CA ALA A 645 21.34 -0.88 -13.74
C ALA A 645 21.45 -0.54 -15.22
N VAL A 646 20.43 0.12 -15.79
CA VAL A 646 20.39 0.35 -17.22
C VAL A 646 21.36 1.49 -17.55
N ASN A 647 21.54 2.41 -16.59
CA ASN A 647 22.49 3.50 -16.70
C ASN A 647 23.89 2.93 -16.95
N GLU A 648 24.31 1.94 -16.18
CA GLU A 648 25.70 1.55 -16.21
C GLU A 648 25.91 0.30 -17.08
N ALA A 649 24.92 -0.06 -17.91
CA ALA A 649 25.10 -1.13 -18.87
C ALA A 649 25.96 -0.65 -20.05
#